data_7CWJ
#
_entry.id   7CWJ
#
_cell.length_a   45.658
_cell.length_b   67.478
_cell.length_c   170.050
_cell.angle_alpha   90.000
_cell.angle_beta   90.000
_cell.angle_gamma   90.000
#
_symmetry.space_group_name_H-M   'P 21 21 21'
#
loop_
_entity.id
_entity.type
_entity.pdbx_description
1 polymer 'Root induced effector protein Tsp1'
2 non-polymer GLYCEROL
3 water water
#
_entity_poly.entity_id   1
_entity_poly.type   'polypeptide(L)'
_entity_poly.pdbx_seq_one_letter_code
;(MSE)AAPTPADKS(MSE)(MSE)AAVPEWTITNLKRVCNAGNTSCTWTFGVDTHLATATSCTYVVKANANASQASGGPV
TCGPYTITSSWSGQFGPNNGFTTFAVTDFSKKLIVWPAYTDVQVQAGKVVSPNQSYAPANLPLEHHHHHH
;
_entity_poly.pdbx_strand_id   A,B,C,D
#
loop_
_chem_comp.id
_chem_comp.type
_chem_comp.name
_chem_comp.formula
GOL non-polymer GLYCEROL 'C3 H8 O3'
#
# COMPACT_ATOMS: atom_id res chain seq x y z
N ALA A 7 4.44 -10.34 43.31
CA ALA A 7 5.03 -10.02 42.02
C ALA A 7 4.11 -10.41 40.85
N ASP A 8 4.09 -9.59 39.79
CA ASP A 8 3.21 -9.80 38.64
C ASP A 8 4.05 -9.93 37.37
N LYS A 9 3.65 -10.85 36.50
CA LYS A 9 4.28 -11.10 35.23
C LYS A 9 3.23 -11.06 34.12
N SER A 10 3.44 -10.22 33.11
CA SER A 10 2.56 -10.24 31.95
C SER A 10 2.85 -11.46 31.07
N MSE A 11 1.80 -12.21 30.75
CA MSE A 11 1.93 -13.35 29.84
C MSE A 11 1.75 -12.96 28.36
O MSE A 11 1.75 -13.81 27.48
CB MSE A 11 0.90 -14.42 30.23
CG MSE A 11 1.00 -14.83 31.65
SE MSE A 11 2.78 -15.58 32.12
CE MSE A 11 2.65 -17.29 31.19
H MSE A 11 1.00 -12.08 31.05
HA MSE A 11 2.81 -13.73 29.96
HB2 MSE A 11 0.01 -14.08 30.07
HB3 MSE A 11 1.06 -15.21 29.68
HG2 MSE A 11 0.85 -14.05 32.22
HG3 MSE A 11 0.34 -15.51 31.83
HE1 MSE A 11 3.47 -17.79 31.32
HE2 MSE A 11 1.90 -17.79 31.55
HE3 MSE A 11 2.51 -17.13 30.24
N MSE A 12 1.58 -11.68 28.07
CA MSE A 12 1.33 -11.29 26.70
C MSE A 12 2.65 -11.16 25.95
O MSE A 12 3.60 -10.53 26.44
CB MSE A 12 0.56 -9.98 26.65
CG MSE A 12 -0.67 -9.98 27.56
SE MSE A 12 -1.84 -11.52 27.22
CE MSE A 12 -2.37 -11.08 25.36
H MSE A 12 1.60 -11.04 28.64
HA MSE A 12 0.78 -11.98 26.27
HB2 MSE A 12 1.14 -9.27 26.92
HB3 MSE A 12 0.25 -9.83 25.74
HG2 MSE A 12 -0.37 -10.03 28.48
HG3 MSE A 12 -1.18 -9.17 27.42
HE1 MSE A 12 -2.97 -11.76 25.04
HE2 MSE A 12 -2.81 -10.21 25.36
HE3 MSE A 12 -1.58 -11.04 24.81
N ALA A 13 2.70 -11.76 24.76
CA ALA A 13 3.89 -11.79 23.96
C ALA A 13 4.12 -10.46 23.27
N ALA A 14 5.39 -10.14 23.07
CA ALA A 14 5.79 -8.90 22.39
C ALA A 14 5.90 -9.09 20.87
N VAL A 15 4.81 -9.57 20.28
CA VAL A 15 4.70 -9.72 18.83
C VAL A 15 3.41 -9.05 18.39
N PRO A 16 3.28 -8.75 17.11
CA PRO A 16 2.02 -8.20 16.61
C PRO A 16 0.83 -9.12 16.88
N GLU A 17 -0.35 -8.52 16.99
CA GLU A 17 -1.58 -9.31 17.11
C GLU A 17 -1.75 -10.21 15.90
N TRP A 18 -2.26 -11.41 16.13
CA TRP A 18 -2.56 -12.33 15.03
C TRP A 18 -3.96 -12.01 14.51
N THR A 19 -4.08 -11.92 13.20
CA THR A 19 -5.36 -11.61 12.57
C THR A 19 -6.01 -12.89 12.09
N ILE A 20 -7.26 -13.10 12.45
CA ILE A 20 -8.03 -14.22 11.93
C ILE A 20 -8.77 -13.70 10.70
N THR A 21 -8.41 -14.20 9.51
CA THR A 21 -8.91 -13.64 8.25
C THR A 21 -10.06 -14.45 7.67
N ASN A 22 -11.07 -13.72 7.19
CA ASN A 22 -12.18 -14.27 6.41
C ASN A 22 -12.88 -15.41 7.14
N LEU A 23 -13.12 -15.21 8.43
CA LEU A 23 -13.74 -16.25 9.24
C LEU A 23 -15.20 -16.44 8.87
N LYS A 24 -15.58 -17.69 8.65
CA LYS A 24 -17.00 -18.01 8.47
C LYS A 24 -17.28 -19.41 8.99
N ARG A 25 -18.52 -19.60 9.41
CA ARG A 25 -19.06 -20.87 9.88
C ARG A 25 -20.22 -21.26 8.98
N VAL A 26 -20.15 -22.48 8.44
CA VAL A 26 -21.25 -23.04 7.65
C VAL A 26 -21.65 -24.35 8.30
N CYS A 27 -22.88 -24.45 8.77
CA CYS A 27 -23.37 -25.69 9.37
C CYS A 27 -24.35 -26.34 8.41
N ASN A 28 -24.43 -27.67 8.45
CA ASN A 28 -25.36 -28.34 7.56
C ASN A 28 -26.78 -28.15 8.07
N ALA A 29 -27.76 -28.58 7.26
CA ALA A 29 -29.16 -28.32 7.57
C ALA A 29 -29.54 -28.87 8.94
N GLY A 30 -29.07 -30.06 9.30
CA GLY A 30 -29.40 -30.67 10.56
C GLY A 30 -28.56 -30.22 11.74
N ASN A 31 -27.59 -29.32 11.53
CA ASN A 31 -26.67 -28.89 12.59
C ASN A 31 -25.99 -30.09 13.25
N THR A 32 -25.51 -31.02 12.41
CA THR A 32 -24.66 -32.11 12.87
C THR A 32 -23.21 -31.95 12.40
N SER A 33 -22.94 -30.93 11.58
CA SER A 33 -21.58 -30.64 11.11
C SER A 33 -21.52 -29.15 10.84
N CYS A 34 -20.48 -28.49 11.34
CA CYS A 34 -20.18 -27.10 11.03
C CYS A 34 -18.75 -27.02 10.56
N THR A 35 -18.55 -26.37 9.43
CA THR A 35 -17.23 -26.19 8.86
C THR A 35 -16.85 -24.73 9.03
N TRP A 36 -15.78 -24.50 9.76
CA TRP A 36 -15.21 -23.17 9.93
C TRP A 36 -14.01 -23.05 9.01
N THR A 37 -13.94 -21.97 8.26
CA THR A 37 -12.79 -21.65 7.46
C THR A 37 -12.28 -20.27 7.84
N PHE A 38 -10.96 -20.15 7.88
CA PHE A 38 -10.31 -18.90 8.25
C PHE A 38 -8.84 -19.02 7.92
N GLY A 39 -8.16 -17.88 7.93
CA GLY A 39 -6.72 -17.87 7.94
C GLY A 39 -6.19 -17.30 9.24
N VAL A 40 -4.93 -17.62 9.56
CA VAL A 40 -4.21 -17.06 10.70
C VAL A 40 -3.02 -16.30 10.14
N ASP A 41 -3.01 -15.00 10.32
CA ASP A 41 -1.93 -14.14 9.84
C ASP A 41 -1.25 -13.49 11.02
N THR A 42 -0.05 -13.96 11.33
CA THR A 42 0.74 -13.39 12.41
C THR A 42 1.44 -12.10 12.02
N HIS A 43 1.39 -11.73 10.72
CA HIS A 43 2.01 -10.55 10.12
C HIS A 43 3.53 -10.59 9.99
N LEU A 44 4.17 -11.59 10.58
CA LEU A 44 5.62 -11.73 10.55
C LEU A 44 6.04 -12.92 9.71
N ALA A 45 5.07 -13.70 9.24
CA ALA A 45 5.32 -14.89 8.45
C ALA A 45 4.12 -15.08 7.51
N THR A 46 4.30 -15.96 6.52
CA THR A 46 3.20 -16.28 5.61
C THR A 46 2.00 -16.78 6.40
N ALA A 47 0.82 -16.28 6.02
CA ALA A 47 -0.42 -16.69 6.66
C ALA A 47 -0.72 -18.17 6.41
N THR A 48 -1.51 -18.74 7.31
CA THR A 48 -1.92 -20.14 7.25
C THR A 48 -3.42 -20.20 6.99
N SER A 49 -3.84 -21.01 6.01
CA SER A 49 -5.25 -21.20 5.73
CA SER A 49 -5.26 -21.20 5.72
C SER A 49 -5.74 -22.47 6.40
N CYS A 50 -6.93 -22.40 7.03
CA CYS A 50 -7.43 -23.50 7.85
CA CYS A 50 -7.42 -23.49 7.87
C CYS A 50 -8.86 -23.86 7.50
N THR A 51 -9.13 -25.16 7.49
CA THR A 51 -10.49 -25.69 7.44
C THR A 51 -10.68 -26.52 8.69
N TYR A 52 -11.72 -26.22 9.47
CA TYR A 52 -11.89 -26.75 10.81
C TYR A 52 -13.33 -27.23 10.96
N VAL A 53 -13.51 -28.54 11.06
CA VAL A 53 -14.83 -29.16 10.99
C VAL A 53 -15.17 -29.71 12.37
N VAL A 54 -16.38 -29.41 12.82
CA VAL A 54 -16.88 -29.82 14.12
C VAL A 54 -18.12 -30.66 13.89
N LYS A 55 -18.12 -31.89 14.39
CA LYS A 55 -19.25 -32.79 14.17
C LYS A 55 -19.88 -33.18 15.51
N ALA A 56 -21.17 -33.53 15.46
CA ALA A 56 -21.85 -33.94 16.68
C ALA A 56 -23.08 -34.75 16.30
N ASN A 57 -23.58 -35.53 17.23
CA ASN A 57 -24.84 -36.22 16.95
C ASN A 57 -26.00 -35.23 16.88
N ALA A 58 -25.89 -34.13 17.61
CA ALA A 58 -26.85 -33.03 17.54
C ALA A 58 -26.15 -31.76 17.97
N ASN A 59 -26.58 -30.63 17.40
CA ASN A 59 -26.11 -29.31 17.82
C ASN A 59 -24.59 -29.15 17.67
N ALA A 60 -24.12 -29.37 16.44
CA ALA A 60 -22.70 -29.17 16.15
C ALA A 60 -22.25 -27.75 16.49
N SER A 61 -23.14 -26.78 16.34
CA SER A 61 -22.80 -25.38 16.62
C SER A 61 -22.53 -25.12 18.09
N GLN A 62 -22.97 -26.02 18.99
CA GLN A 62 -22.70 -25.97 20.42
C GLN A 62 -21.56 -26.91 20.83
N ALA A 63 -21.05 -27.74 19.92
CA ALA A 63 -20.10 -28.78 20.29
C ALA A 63 -18.69 -28.21 20.39
N SER A 64 -17.92 -28.82 21.28
CA SER A 64 -16.49 -28.56 21.39
C SER A 64 -15.75 -29.35 20.32
N GLY A 65 -14.79 -28.70 19.66
CA GLY A 65 -14.11 -29.27 18.54
C GLY A 65 -12.62 -29.38 18.82
N GLY A 66 -11.95 -30.11 17.94
CA GLY A 66 -10.52 -30.30 18.00
C GLY A 66 -10.13 -31.33 19.03
N PRO A 67 -8.80 -31.51 19.20
CA PRO A 67 -7.81 -30.71 18.50
C PRO A 67 -7.66 -31.04 17.01
N VAL A 68 -7.45 -30.01 16.20
CA VAL A 68 -7.20 -30.10 14.77
C VAL A 68 -5.87 -29.41 14.52
N THR A 69 -5.04 -30.00 13.66
CA THR A 69 -3.80 -29.38 13.22
C THR A 69 -4.04 -28.58 11.95
N CYS A 70 -3.53 -27.34 11.95
CA CYS A 70 -3.54 -26.50 10.77
CA CYS A 70 -3.55 -26.47 10.78
C CYS A 70 -2.19 -25.79 10.70
N GLY A 71 -1.35 -26.20 9.77
CA GLY A 71 0.00 -25.68 9.72
C GLY A 71 0.70 -25.88 11.05
N PRO A 72 1.26 -24.82 11.63
CA PRO A 72 1.92 -24.97 12.93
C PRO A 72 0.97 -24.98 14.11
N TYR A 73 -0.31 -24.80 13.88
CA TYR A 73 -1.28 -24.57 14.95
C TYR A 73 -2.01 -25.85 15.33
N THR A 74 -2.32 -25.93 16.62
CA THR A 74 -3.26 -26.90 17.19
C THR A 74 -4.47 -26.10 17.65
N ILE A 75 -5.65 -26.49 17.16
CA ILE A 75 -6.86 -25.70 17.32
C ILE A 75 -7.94 -26.54 18.01
N THR A 76 -8.57 -25.94 19.01
CA THR A 76 -9.80 -26.46 19.59
C THR A 76 -10.81 -25.33 19.65
N SER A 77 -12.05 -25.70 20.01
CA SER A 77 -13.09 -24.71 20.21
C SER A 77 -14.05 -25.19 21.29
N SER A 78 -14.72 -24.21 21.92
CA SER A 78 -15.74 -24.46 22.91
C SER A 78 -16.82 -23.39 22.77
N TRP A 79 -18.08 -23.83 22.70
CA TRP A 79 -19.22 -22.94 22.64
C TRP A 79 -19.79 -22.72 24.03
N SER A 80 -20.28 -21.52 24.31
CA SER A 80 -20.93 -21.25 25.60
C SER A 80 -22.24 -20.52 25.44
N GLY A 81 -23.27 -21.02 26.12
CA GLY A 81 -24.54 -20.33 26.23
C GLY A 81 -24.78 -19.75 27.61
N GLN A 82 -23.69 -19.43 28.33
CA GLN A 82 -23.77 -18.96 29.70
C GLN A 82 -24.60 -17.68 29.82
N PHE A 83 -24.66 -16.86 28.78
CA PHE A 83 -25.44 -15.64 28.77
C PHE A 83 -26.77 -15.79 28.04
N GLY A 84 -27.21 -17.01 27.78
CA GLY A 84 -28.46 -17.25 27.08
C GLY A 84 -28.25 -17.39 25.58
N PRO A 85 -29.22 -18.01 24.88
CA PRO A 85 -29.00 -18.32 23.47
C PRO A 85 -28.72 -17.10 22.61
N ASN A 86 -29.33 -15.96 22.92
CA ASN A 86 -29.12 -14.77 22.09
C ASN A 86 -27.67 -14.31 22.12
N ASN A 87 -26.95 -14.65 23.19
CA ASN A 87 -25.55 -14.27 23.34
C ASN A 87 -24.64 -15.49 23.42
N GLY A 88 -25.00 -16.55 22.70
CA GLY A 88 -24.07 -17.65 22.51
C GLY A 88 -22.81 -17.19 21.81
N PHE A 89 -21.68 -17.81 22.17
CA PHE A 89 -20.43 -17.46 21.50
C PHE A 89 -19.48 -18.65 21.53
N THR A 90 -18.65 -18.72 20.50
CA THR A 90 -17.64 -19.75 20.30
C THR A 90 -16.27 -19.15 20.53
N THR A 91 -15.46 -19.85 21.30
CA THR A 91 -14.07 -19.50 21.51
C THR A 91 -13.20 -20.56 20.87
N PHE A 92 -12.22 -20.13 20.10
CA PHE A 92 -11.18 -21.00 19.61
C PHE A 92 -9.96 -20.84 20.49
N ALA A 93 -9.19 -21.92 20.61
CA ALA A 93 -7.85 -21.87 21.19
C ALA A 93 -6.90 -22.26 20.08
N VAL A 94 -6.11 -21.30 19.62
CA VAL A 94 -5.17 -21.51 18.51
C VAL A 94 -3.76 -21.45 19.07
N THR A 95 -3.09 -22.60 19.16
CA THR A 95 -1.78 -22.71 19.79
C THR A 95 -0.72 -23.06 18.77
N ASP A 96 0.33 -22.24 18.72
CA ASP A 96 1.56 -22.64 18.04
C ASP A 96 2.44 -23.29 19.09
N PHE A 97 2.52 -24.62 19.06
CA PHE A 97 3.25 -25.36 20.10
C PHE A 97 4.74 -25.06 20.02
N SER A 98 5.27 -24.93 18.80
CA SER A 98 6.70 -24.67 18.64
C SER A 98 7.08 -23.35 19.29
N LYS A 99 6.20 -22.34 19.19
CA LYS A 99 6.43 -21.01 19.75
C LYS A 99 5.94 -20.88 21.18
N LYS A 100 5.17 -21.85 21.66
CA LYS A 100 4.50 -21.76 22.96
C LYS A 100 3.68 -20.47 23.07
N LEU A 101 2.95 -20.15 21.98
CA LEU A 101 2.06 -19.00 21.90
C LEU A 101 0.64 -19.46 21.65
N ILE A 102 -0.32 -18.74 22.22
CA ILE A 102 -1.71 -19.11 22.12
C ILE A 102 -2.56 -17.84 21.98
N VAL A 103 -3.57 -17.88 21.11
CA VAL A 103 -4.60 -16.86 21.05
C VAL A 103 -5.97 -17.52 21.15
N TRP A 104 -6.96 -16.71 21.56
CA TRP A 104 -8.35 -17.18 21.74
C TRP A 104 -9.30 -16.29 20.98
N PRO A 105 -9.44 -16.50 19.67
CA PRO A 105 -10.47 -15.79 18.92
C PRO A 105 -11.85 -16.20 19.37
N ALA A 106 -12.75 -15.22 19.51
CA ALA A 106 -14.08 -15.50 20.06
C ALA A 106 -15.15 -14.74 19.29
N TYR A 107 -16.18 -15.46 18.83
CA TYR A 107 -17.16 -14.93 17.88
C TYR A 107 -18.56 -15.23 18.40
N THR A 108 -19.43 -14.22 18.47
CA THR A 108 -20.80 -14.51 18.86
C THR A 108 -21.51 -15.23 17.72
N ASP A 109 -22.53 -16.00 18.07
CA ASP A 109 -23.32 -16.67 17.05
C ASP A 109 -23.95 -15.64 16.11
N VAL A 110 -24.38 -14.50 16.67
CA VAL A 110 -24.88 -13.41 15.83
C VAL A 110 -23.91 -13.11 14.69
N GLN A 111 -22.61 -13.10 14.98
CA GLN A 111 -21.61 -12.70 13.98
C GLN A 111 -21.49 -13.72 12.86
N VAL A 112 -21.71 -15.01 13.13
CA VAL A 112 -21.39 -16.06 12.17
C VAL A 112 -22.62 -16.78 11.64
N GLN A 113 -23.80 -16.49 12.17
CA GLN A 113 -24.98 -17.32 11.90
C GLN A 113 -25.39 -17.30 10.44
N ALA A 114 -25.17 -16.19 9.74
CA ALA A 114 -25.67 -16.09 8.36
C ALA A 114 -24.76 -16.80 7.39
N GLY A 115 -23.69 -17.45 7.87
CA GLY A 115 -22.73 -18.08 6.98
C GLY A 115 -21.97 -17.12 6.11
N LYS A 116 -21.86 -15.86 6.50
CA LYS A 116 -21.04 -14.91 5.76
C LYS A 116 -19.76 -14.66 6.54
N VAL A 117 -18.75 -14.17 5.80
CA VAL A 117 -17.45 -13.83 6.38
C VAL A 117 -17.63 -12.71 7.40
N VAL A 118 -17.01 -12.88 8.56
CA VAL A 118 -16.97 -11.80 9.55
C VAL A 118 -16.10 -10.67 9.02
N SER A 119 -16.66 -9.46 8.98
CA SER A 119 -15.93 -8.22 8.65
C SER A 119 -16.26 -7.14 9.67
N PRO A 120 -15.24 -6.40 10.17
CA PRO A 120 -13.81 -6.57 9.86
C PRO A 120 -13.21 -7.88 10.37
N ASN A 121 -12.06 -8.26 9.81
CA ASN A 121 -11.26 -9.29 10.45
C ASN A 121 -10.87 -8.85 11.86
N GLN A 122 -10.77 -9.82 12.76
CA GLN A 122 -10.51 -9.53 14.16
C GLN A 122 -9.11 -9.99 14.53
N SER A 123 -8.37 -9.15 15.26
CA SER A 123 -7.00 -9.45 15.65
C SER A 123 -6.90 -9.61 17.17
N TYR A 124 -6.01 -10.51 17.59
CA TYR A 124 -5.84 -10.94 18.98
C TYR A 124 -4.36 -10.98 19.35
N ALA A 125 -4.07 -10.56 20.57
CA ALA A 125 -2.71 -10.58 21.11
C ALA A 125 -2.35 -11.97 21.62
N PRO A 126 -1.26 -12.58 21.15
CA PRO A 126 -0.89 -13.90 21.68
C PRO A 126 -0.35 -13.83 23.10
N ALA A 127 -0.63 -14.89 23.85
CA ALA A 127 -0.09 -15.09 25.18
C ALA A 127 0.92 -16.23 25.17
N ASN A 128 1.85 -16.18 26.12
CA ASN A 128 2.77 -17.27 26.33
C ASN A 128 2.08 -18.37 27.12
N LEU A 129 2.31 -19.62 26.72
CA LEU A 129 1.84 -20.80 27.43
C LEU A 129 3.07 -21.59 27.85
N PRO A 130 3.41 -21.64 29.15
CA PRO A 130 4.72 -22.15 29.60
C PRO A 130 4.79 -23.68 29.65
N LEU A 131 4.53 -24.30 28.50
CA LEU A 131 4.72 -25.72 28.33
C LEU A 131 6.19 -26.09 28.39
N GLU A 132 6.45 -27.31 28.79
CA GLU A 132 7.81 -27.83 28.80
C GLU A 132 7.99 -28.73 27.59
N HIS A 133 8.84 -28.30 26.65
CA HIS A 133 9.22 -29.14 25.53
C HIS A 133 10.23 -30.15 26.07
N THR B 5 -11.75 20.84 -57.92
CA THR B 5 -11.32 19.93 -56.86
C THR B 5 -9.82 19.65 -57.01
N PRO B 6 -9.04 19.87 -55.95
CA PRO B 6 -7.61 19.57 -56.03
C PRO B 6 -7.39 18.11 -56.38
N ALA B 7 -6.21 17.86 -56.93
CA ALA B 7 -5.80 16.50 -57.26
C ALA B 7 -5.63 15.66 -56.00
N ASP B 8 -4.92 16.20 -54.97
CA ASP B 8 -4.57 15.46 -53.76
C ASP B 8 -4.83 16.30 -52.50
N LYS B 9 -5.05 15.63 -51.36
CA LYS B 9 -5.37 16.27 -50.10
C LYS B 9 -4.67 15.53 -48.98
N SER B 10 -3.86 16.23 -48.17
CA SER B 10 -3.34 15.62 -46.96
C SER B 10 -4.47 15.41 -45.98
N MSE B 11 -4.53 14.22 -45.38
CA MSE B 11 -5.53 13.95 -44.33
C MSE B 11 -4.98 14.21 -42.93
O MSE B 11 -5.70 14.01 -41.94
CB MSE B 11 -6.04 12.51 -44.41
CG MSE B 11 -6.68 12.17 -45.72
SE MSE B 11 -8.12 13.43 -46.23
CE MSE B 11 -9.57 12.77 -45.03
H MSE B 11 -4.02 13.55 -45.56
HA MSE B 11 -6.28 14.55 -44.48
HB2 MSE B 11 -5.29 11.91 -44.28
HB3 MSE B 11 -6.69 12.38 -43.71
HG2 MSE B 11 -6.01 12.19 -46.43
HG3 MSE B 11 -7.07 11.28 -45.66
HE1 MSE B 11 -10.37 13.29 -45.17
HE2 MSE B 11 -9.76 11.84 -45.24
HE3 MSE B 11 -9.28 12.83 -44.11
N MSE B 12 -3.74 14.67 -42.82
CA MSE B 12 -3.15 14.86 -41.48
C MSE B 12 -3.59 16.20 -40.89
O MSE B 12 -3.44 17.26 -41.53
CB MSE B 12 -1.63 14.77 -41.56
CG MSE B 12 -1.14 13.53 -42.30
SE MSE B 12 -2.07 11.87 -41.76
CE MSE B 12 -1.56 11.91 -39.87
H MSE B 12 -3.23 14.88 -43.49
HA MSE B 12 -3.45 14.14 -40.90
HB2 MSE B 12 -1.29 15.53 -42.04
HB3 MSE B 12 -1.26 14.73 -40.66
HG2 MSE B 12 -1.28 13.65 -43.25
HG3 MSE B 12 -0.19 13.40 -42.12
HE1 MSE B 12 -1.94 11.14 -39.42
HE2 MSE B 12 -0.60 11.88 -39.80
HE3 MSE B 12 -1.90 12.73 -39.47
N ALA B 13 -4.19 16.15 -39.71
CA ALA B 13 -4.79 17.34 -39.10
C ALA B 13 -3.72 18.27 -38.54
N ALA B 14 -4.02 19.58 -38.56
CA ALA B 14 -3.09 20.57 -38.05
C ALA B 14 -3.27 20.71 -36.55
N VAL B 15 -2.88 19.65 -35.84
CA VAL B 15 -2.90 19.60 -34.38
C VAL B 15 -1.62 18.93 -33.90
N PRO B 16 -1.30 19.09 -32.61
CA PRO B 16 -0.17 18.34 -32.04
C PRO B 16 -0.42 16.84 -32.06
N GLU B 17 0.66 16.07 -32.21
CA GLU B 17 0.56 14.62 -32.08
C GLU B 17 -0.02 14.21 -30.73
N TRP B 18 -0.87 13.19 -30.79
CA TRP B 18 -1.44 12.60 -29.59
C TRP B 18 -0.42 11.64 -28.98
N THR B 19 -0.14 11.80 -27.70
CA THR B 19 0.78 10.93 -27.00
C THR B 19 -0.02 9.89 -26.23
N ILE B 20 0.31 8.62 -26.44
CA ILE B 20 -0.29 7.53 -25.68
C ILE B 20 0.62 7.31 -24.46
N THR B 21 0.09 7.57 -23.28
CA THR B 21 0.91 7.61 -22.08
C THR B 21 0.76 6.34 -21.24
N ASN B 22 1.87 5.92 -20.64
CA ASN B 22 1.87 4.86 -19.64
C ASN B 22 1.13 3.61 -20.10
N LEU B 23 1.36 3.22 -21.35
CA LEU B 23 0.66 2.08 -21.94
C LEU B 23 1.15 0.75 -21.35
N LYS B 24 0.20 -0.06 -20.93
CA LYS B 24 0.49 -1.37 -20.35
C LYS B 24 -0.61 -2.34 -20.77
N ARG B 25 -0.22 -3.57 -21.07
CA ARG B 25 -1.15 -4.68 -21.25
C ARG B 25 -0.90 -5.71 -20.16
N VAL B 26 -1.95 -6.10 -19.46
CA VAL B 26 -1.87 -7.22 -18.52
C VAL B 26 -2.97 -8.21 -18.86
N CYS B 27 -2.60 -9.44 -19.18
CA CYS B 27 -3.56 -10.48 -19.48
C CYS B 27 -3.65 -11.45 -18.30
N ASN B 28 -4.82 -12.05 -18.11
CA ASN B 28 -4.95 -13.02 -17.03
C ASN B 28 -4.24 -14.33 -17.41
N ALA B 29 -4.14 -15.23 -16.43
CA ALA B 29 -3.29 -16.41 -16.61
C ALA B 29 -3.75 -17.28 -17.77
N GLY B 30 -5.06 -17.42 -17.96
CA GLY B 30 -5.58 -18.18 -19.08
C GLY B 30 -5.71 -17.44 -20.38
N ASN B 31 -5.33 -16.16 -20.41
CA ASN B 31 -5.40 -15.35 -21.62
C ASN B 31 -6.83 -15.33 -22.18
N THR B 32 -7.80 -15.16 -21.28
CA THR B 32 -9.17 -14.92 -21.68
C THR B 32 -9.59 -13.47 -21.45
N SER B 33 -8.73 -12.67 -20.83
CA SER B 33 -8.99 -11.25 -20.62
C SER B 33 -7.66 -10.52 -20.57
N CYS B 34 -7.56 -9.43 -21.31
CA CYS B 34 -6.39 -8.55 -21.30
C CYS B 34 -6.89 -7.14 -21.06
N THR B 35 -6.33 -6.50 -20.05
CA THR B 35 -6.68 -5.13 -19.70
C THR B 35 -5.56 -4.23 -20.16
N TRP B 36 -5.87 -3.33 -21.08
CA TRP B 36 -4.92 -2.33 -21.48
C TRP B 36 -5.25 -1.04 -20.77
N THR B 37 -4.23 -0.41 -20.20
CA THR B 37 -4.39 0.88 -19.54
C THR B 37 -3.39 1.85 -20.14
N PHE B 38 -3.89 3.04 -20.43
CA PHE B 38 -3.13 4.06 -21.12
C PHE B 38 -3.89 5.37 -21.04
N GLY B 39 -3.18 6.46 -21.23
CA GLY B 39 -3.78 7.78 -21.40
C GLY B 39 -3.69 8.24 -22.84
N VAL B 40 -4.63 9.07 -23.25
CA VAL B 40 -4.56 9.78 -24.53
C VAL B 40 -4.33 11.23 -24.19
N ASP B 41 -3.17 11.75 -24.57
CA ASP B 41 -2.73 13.11 -24.23
C ASP B 41 -2.60 13.88 -25.54
N THR B 42 -3.63 14.68 -25.89
CA THR B 42 -3.63 15.49 -27.10
C THR B 42 -2.88 16.82 -26.93
N HIS B 43 -2.49 17.15 -25.70
CA HIS B 43 -1.69 18.35 -25.36
C HIS B 43 -2.52 19.62 -25.40
N LEU B 44 -3.38 19.74 -26.42
CA LEU B 44 -4.39 20.80 -26.46
C LEU B 44 -5.38 20.72 -25.30
N ALA B 45 -5.57 19.53 -24.73
CA ALA B 45 -6.39 19.36 -23.54
C ALA B 45 -5.64 18.45 -22.59
N THR B 46 -6.05 18.50 -21.33
CA THR B 46 -5.49 17.56 -20.36
C THR B 46 -5.83 16.12 -20.76
N ALA B 47 -4.96 15.20 -20.38
CA ALA B 47 -5.04 13.83 -20.84
C ALA B 47 -6.29 13.11 -20.33
N THR B 48 -6.73 12.13 -21.12
CA THR B 48 -7.79 11.21 -20.77
C THR B 48 -7.16 9.86 -20.40
N SER B 49 -7.54 9.34 -19.25
CA SER B 49 -7.09 8.02 -18.80
C SER B 49 -8.12 6.98 -19.21
N CYS B 50 -7.65 5.84 -19.70
CA CYS B 50 -8.52 4.81 -20.24
CA CYS B 50 -8.52 4.82 -20.25
C CYS B 50 -8.16 3.45 -19.69
N THR B 51 -9.18 2.66 -19.43
CA THR B 51 -9.04 1.24 -19.15
C THR B 51 -9.84 0.52 -20.23
N TYR B 52 -9.16 -0.34 -20.98
CA TYR B 52 -9.68 -0.97 -22.17
C TYR B 52 -9.51 -2.47 -22.02
N VAL B 53 -10.62 -3.19 -21.81
CA VAL B 53 -10.59 -4.63 -21.57
C VAL B 53 -11.02 -5.39 -22.84
N VAL B 54 -10.24 -6.39 -23.22
CA VAL B 54 -10.52 -7.27 -24.36
C VAL B 54 -10.72 -8.68 -23.79
N LYS B 55 -11.89 -9.25 -24.04
CA LYS B 55 -12.26 -10.59 -23.59
C LYS B 55 -12.36 -11.53 -24.78
N ALA B 56 -12.08 -12.80 -24.53
CA ALA B 56 -12.21 -13.83 -25.56
C ALA B 56 -12.38 -15.17 -24.87
N ASN B 57 -12.97 -16.12 -25.59
CA ASN B 57 -13.01 -17.48 -25.09
C ASN B 57 -11.62 -18.08 -24.97
N ALA B 58 -10.69 -17.64 -25.82
CA ALA B 58 -9.28 -18.01 -25.79
C ALA B 58 -8.48 -16.92 -26.53
N ASN B 59 -7.22 -16.74 -26.12
CA ASN B 59 -6.27 -15.85 -26.79
C ASN B 59 -6.78 -14.41 -26.89
N ALA B 60 -7.18 -13.87 -25.75
CA ALA B 60 -7.58 -12.47 -25.70
C ALA B 60 -6.49 -11.56 -26.23
N SER B 61 -5.23 -11.95 -26.07
CA SER B 61 -4.14 -11.10 -26.56
C SER B 61 -4.13 -11.01 -28.08
N GLN B 62 -4.84 -11.91 -28.77
CA GLN B 62 -4.99 -11.87 -30.22
C GLN B 62 -6.34 -11.36 -30.66
N ALA B 63 -7.27 -11.11 -29.73
CA ALA B 63 -8.66 -10.85 -30.07
C ALA B 63 -8.83 -9.38 -30.44
N SER B 64 -9.79 -9.11 -31.33
CA SER B 64 -10.17 -7.75 -31.65
C SER B 64 -11.09 -7.22 -30.56
N GLY B 65 -10.85 -5.98 -30.15
CA GLY B 65 -11.56 -5.40 -29.03
C GLY B 65 -12.39 -4.20 -29.46
N GLY B 66 -13.29 -3.82 -28.57
CA GLY B 66 -14.10 -2.64 -28.78
C GLY B 66 -15.31 -2.88 -29.64
N PRO B 67 -16.07 -1.80 -29.90
CA PRO B 67 -15.73 -0.46 -29.43
C PRO B 67 -15.99 -0.22 -27.96
N VAL B 68 -15.05 0.54 -27.37
CA VAL B 68 -15.09 0.98 -25.99
C VAL B 68 -15.05 2.50 -26.01
N THR B 69 -15.85 3.14 -25.17
CA THR B 69 -15.75 4.58 -25.06
C THR B 69 -14.92 4.95 -23.82
N CYS B 70 -14.07 5.93 -24.02
CA CYS B 70 -13.20 6.46 -22.99
CA CYS B 70 -13.17 6.46 -23.00
C CYS B 70 -13.14 7.97 -23.19
N GLY B 71 -13.80 8.72 -22.31
CA GLY B 71 -13.89 10.15 -22.52
C GLY B 71 -14.48 10.46 -23.89
N PRO B 72 -13.87 11.36 -24.68
CA PRO B 72 -14.40 11.62 -26.02
C PRO B 72 -14.05 10.56 -27.05
N TYR B 73 -13.34 9.51 -26.66
CA TYR B 73 -12.79 8.60 -27.66
C TYR B 73 -13.64 7.33 -27.78
N THR B 74 -13.67 6.81 -29.00
CA THR B 74 -14.16 5.47 -29.29
C THR B 74 -12.96 4.66 -29.77
N ILE B 75 -12.74 3.50 -29.15
CA ILE B 75 -11.50 2.75 -29.32
C ILE B 75 -11.83 1.32 -29.70
N THR B 76 -11.16 0.82 -30.73
CA THR B 76 -11.15 -0.58 -31.11
C THR B 76 -9.69 -1.03 -31.21
N SER B 77 -9.49 -2.32 -31.36
CA SER B 77 -8.14 -2.83 -31.52
C SER B 77 -8.16 -4.10 -32.33
N SER B 78 -7.06 -4.36 -33.03
CA SER B 78 -6.90 -5.56 -33.82
C SER B 78 -5.46 -6.04 -33.72
N TRP B 79 -5.32 -7.34 -33.52
CA TRP B 79 -4.01 -7.99 -33.47
C TRP B 79 -3.70 -8.64 -34.80
N SER B 80 -2.43 -8.60 -35.18
CA SER B 80 -2.01 -9.22 -36.43
C SER B 80 -0.75 -10.06 -36.28
N GLY B 81 -0.82 -11.29 -36.77
CA GLY B 81 0.33 -12.15 -36.85
C GLY B 81 0.88 -12.29 -38.26
N GLN B 82 0.56 -11.32 -39.12
CA GLN B 82 0.90 -11.42 -40.54
C GLN B 82 2.40 -11.56 -40.77
N PHE B 83 3.25 -11.15 -39.84
CA PHE B 83 4.69 -11.25 -40.00
C PHE B 83 5.28 -12.35 -39.13
N GLY B 84 4.44 -13.28 -38.66
CA GLY B 84 4.88 -14.34 -37.79
C GLY B 84 4.62 -14.00 -36.34
N PRO B 85 4.47 -15.03 -35.51
CA PRO B 85 4.12 -14.78 -34.10
C PRO B 85 5.15 -13.96 -33.35
N ASN B 86 6.45 -14.11 -33.65
CA ASN B 86 7.44 -13.31 -32.95
C ASN B 86 7.28 -11.83 -33.27
N ASN B 87 6.61 -11.51 -34.38
CA ASN B 87 6.36 -10.13 -34.77
C ASN B 87 4.89 -9.78 -34.71
N GLY B 88 4.16 -10.40 -33.77
CA GLY B 88 2.79 -10.00 -33.54
C GLY B 88 2.70 -8.58 -33.02
N PHE B 89 1.68 -7.86 -33.47
CA PHE B 89 1.47 -6.49 -33.00
C PHE B 89 -0.01 -6.16 -32.95
N THR B 90 -0.37 -5.32 -31.99
CA THR B 90 -1.72 -4.83 -31.79
C THR B 90 -1.81 -3.39 -32.29
N THR B 91 -2.85 -3.10 -33.05
CA THR B 91 -3.14 -1.76 -33.51
C THR B 91 -4.45 -1.31 -32.89
N PHE B 92 -4.41 -0.15 -32.26
CA PHE B 92 -5.60 0.52 -31.79
C PHE B 92 -6.09 1.51 -32.84
N ALA B 93 -7.40 1.72 -32.86
CA ALA B 93 -8.00 2.85 -33.55
C ALA B 93 -8.65 3.72 -32.50
N VAL B 94 -8.17 4.94 -32.35
CA VAL B 94 -8.65 5.85 -31.32
C VAL B 94 -9.24 7.04 -32.07
N THR B 95 -10.57 7.17 -32.03
CA THR B 95 -11.31 8.19 -32.76
C THR B 95 -12.01 9.13 -31.78
N ASP B 96 -11.83 10.42 -31.98
CA ASP B 96 -12.63 11.43 -31.30
C ASP B 96 -13.73 11.81 -32.28
N PHE B 97 -14.94 11.26 -32.07
CA PHE B 97 -16.05 11.48 -33.00
C PHE B 97 -16.37 12.96 -33.14
N SER B 98 -16.36 13.69 -32.04
CA SER B 98 -16.75 15.10 -32.09
C SER B 98 -15.76 15.93 -32.92
N LYS B 99 -14.47 15.60 -32.87
CA LYS B 99 -13.43 16.32 -33.62
C LYS B 99 -13.16 15.70 -35.00
N LYS B 100 -13.73 14.54 -35.28
CA LYS B 100 -13.50 13.78 -36.51
C LYS B 100 -12.00 13.53 -36.73
N LEU B 101 -11.32 13.11 -35.67
CA LEU B 101 -9.89 12.81 -35.69
C LEU B 101 -9.65 11.38 -35.23
N ILE B 102 -8.66 10.73 -35.82
CA ILE B 102 -8.38 9.34 -35.54
C ILE B 102 -6.87 9.12 -35.56
N VAL B 103 -6.38 8.32 -34.62
CA VAL B 103 -4.99 7.84 -34.64
C VAL B 103 -5.00 6.33 -34.47
N TRP B 104 -3.88 5.73 -34.85
CA TRP B 104 -3.68 4.28 -34.81
C TRP B 104 -2.39 3.92 -34.10
N PRO B 105 -2.38 3.95 -32.77
CA PRO B 105 -1.21 3.47 -32.03
C PRO B 105 -1.01 1.97 -32.25
N ALA B 106 0.25 1.57 -32.43
CA ALA B 106 0.56 0.17 -32.72
C ALA B 106 1.75 -0.27 -31.87
N TYR B 107 1.60 -1.40 -31.17
CA TYR B 107 2.60 -1.90 -30.24
C TYR B 107 2.85 -3.38 -30.53
N THR B 108 4.12 -3.75 -30.64
CA THR B 108 4.44 -5.15 -30.83
C THR B 108 4.24 -5.90 -29.51
N ASP B 109 4.02 -7.21 -29.64
CA ASP B 109 3.87 -8.02 -28.44
C ASP B 109 5.14 -7.99 -27.60
N VAL B 110 6.31 -7.93 -28.24
CA VAL B 110 7.56 -7.81 -27.49
C VAL B 110 7.54 -6.59 -26.58
N GLN B 111 6.94 -5.49 -27.03
CA GLN B 111 6.94 -4.28 -26.22
C GLN B 111 6.06 -4.40 -24.97
N VAL B 112 4.99 -5.19 -25.03
CA VAL B 112 4.00 -5.21 -23.95
C VAL B 112 3.96 -6.53 -23.18
N GLN B 113 4.63 -7.58 -23.64
CA GLN B 113 4.41 -8.89 -23.04
C GLN B 113 4.85 -8.96 -21.59
N ALA B 114 5.82 -8.13 -21.20
CA ALA B 114 6.29 -8.20 -19.82
C ALA B 114 5.27 -7.67 -18.82
N GLY B 115 4.18 -7.09 -19.30
CA GLY B 115 3.25 -6.43 -18.42
C GLY B 115 3.79 -5.17 -17.80
N LYS B 116 4.83 -4.59 -18.38
CA LYS B 116 5.41 -3.36 -17.90
C LYS B 116 5.07 -2.22 -18.84
N VAL B 117 5.06 -1.00 -18.27
CA VAL B 117 4.72 0.18 -19.05
C VAL B 117 5.72 0.36 -20.18
N VAL B 118 5.19 0.66 -21.35
CA VAL B 118 6.05 0.99 -22.49
C VAL B 118 6.67 2.35 -22.23
N SER B 119 7.98 2.44 -22.38
CA SER B 119 8.65 3.73 -22.34
C SER B 119 9.70 3.76 -23.43
N PRO B 120 9.84 4.87 -24.15
CA PRO B 120 9.10 6.13 -23.99
C PRO B 120 7.65 6.03 -24.44
N ASN B 121 6.86 7.03 -24.05
CA ASN B 121 5.53 7.19 -24.61
C ASN B 121 5.65 7.48 -26.09
N GLN B 122 4.75 6.89 -26.86
CA GLN B 122 4.77 7.01 -28.32
C GLN B 122 3.67 7.96 -28.75
N SER B 123 3.99 8.86 -29.67
CA SER B 123 3.02 9.85 -30.14
C SER B 123 2.75 9.66 -31.62
N TYR B 124 1.53 10.05 -32.01
CA TYR B 124 0.99 9.76 -33.33
C TYR B 124 0.25 10.99 -33.84
N ALA B 125 0.42 11.26 -35.13
CA ALA B 125 -0.26 12.39 -35.78
C ALA B 125 -1.70 12.04 -36.12
N PRO B 126 -2.69 12.80 -35.66
CA PRO B 126 -4.08 12.45 -36.01
C PRO B 126 -4.40 12.72 -37.48
N ALA B 127 -5.24 11.86 -38.00
CA ALA B 127 -5.81 12.05 -39.33
C ALA B 127 -7.25 12.51 -39.23
N ASN B 128 -7.66 13.28 -40.24
CA ASN B 128 -9.07 13.64 -40.40
C ASN B 128 -9.86 12.44 -40.91
N LEU B 129 -11.03 12.20 -40.31
CA LEU B 129 -11.94 11.17 -40.79
C LEU B 129 -13.24 11.84 -41.21
N PRO B 130 -13.60 11.84 -42.45
CA PRO B 130 -14.71 12.72 -42.88
C PRO B 130 -16.08 12.13 -42.61
N LEU B 131 -16.32 11.79 -41.35
CA LEU B 131 -17.65 11.43 -40.88
C LEU B 131 -18.62 12.57 -41.14
N GLU B 132 -19.87 12.21 -41.32
CA GLU B 132 -20.93 13.18 -41.54
C GLU B 132 -21.81 13.23 -40.30
N HIS B 133 -21.62 14.30 -39.50
CA HIS B 133 -22.48 14.53 -38.36
C HIS B 133 -23.89 14.91 -38.80
N HIS B 134 -24.07 15.31 -40.07
CA HIS B 134 -25.35 15.79 -40.56
C HIS B 134 -26.00 14.81 -41.54
N HIS B 135 -25.57 13.55 -41.52
CA HIS B 135 -25.99 12.54 -42.51
C HIS B 135 -26.31 13.14 -43.88
N PRO C 4 2.84 2.55 -13.80
CA PRO C 4 1.86 1.74 -14.52
C PRO C 4 0.46 2.33 -14.58
N THR C 5 0.29 3.65 -14.35
CA THR C 5 -1.05 4.28 -14.47
C THR C 5 -0.96 5.64 -15.14
N PRO C 6 -1.80 5.91 -16.14
CA PRO C 6 -1.84 7.26 -16.71
C PRO C 6 -2.58 8.27 -15.83
N ALA C 7 -3.37 7.80 -14.88
CA ALA C 7 -4.27 8.67 -14.13
C ALA C 7 -3.63 9.29 -12.90
N ASP C 8 -2.55 8.73 -12.39
CA ASP C 8 -2.00 9.16 -11.12
CA ASP C 8 -2.01 9.18 -11.11
C ASP C 8 -0.88 10.18 -11.34
N LYS C 9 -0.35 10.68 -10.23
CA LYS C 9 0.71 11.67 -10.20
C LYS C 9 1.82 11.12 -9.32
N SER C 10 2.98 10.85 -9.91
CA SER C 10 4.15 10.48 -9.11
C SER C 10 4.60 11.69 -8.27
N MSE C 11 4.88 11.45 -6.99
CA MSE C 11 5.38 12.52 -6.18
C MSE C 11 6.89 12.50 -6.13
O MSE C 11 7.50 13.28 -5.38
CB MSE C 11 4.80 12.41 -4.76
CG MSE C 11 3.31 12.38 -4.72
SE MSE C 11 2.55 13.97 -5.56
CE MSE C 11 3.02 15.29 -4.17
H MSE C 11 4.78 10.69 -6.60
HA MSE C 11 5.09 13.37 -6.54
HB2 MSE C 11 5.12 11.59 -4.36
HB3 MSE C 11 5.09 13.17 -4.24
HG2 MSE C 11 3.00 11.60 -5.20
HG3 MSE C 11 3.01 12.34 -3.79
HE1 MSE C 11 2.70 16.17 -4.46
HE2 MSE C 11 2.60 15.03 -3.35
HE3 MSE C 11 3.98 15.31 -4.06
N MSE C 12 7.51 11.61 -6.90
CA MSE C 12 8.96 11.45 -6.85
C MSE C 12 9.66 12.51 -7.68
O MSE C 12 9.35 12.67 -8.86
CB MSE C 12 9.35 10.06 -7.33
CG MSE C 12 8.60 8.95 -6.54
SE MSE C 12 8.52 9.16 -4.55
CE MSE C 12 10.48 8.97 -4.14
H MSE C 12 7.12 11.10 -7.45
HA MSE C 12 9.25 11.54 -5.93
HB2 MSE C 12 9.13 9.97 -8.26
HB3 MSE C 12 10.30 9.93 -7.19
HG2 MSE C 12 7.68 8.93 -6.86
HG3 MSE C 12 9.02 8.10 -6.73
HE1 MSE C 12 10.60 9.06 -3.17
HE2 MSE C 12 10.78 8.10 -4.43
HE3 MSE C 12 10.97 9.66 -4.59
N ALA C 13 10.63 13.20 -7.08
CA ALA C 13 11.27 14.34 -7.73
C ALA C 13 12.37 13.84 -8.66
N ALA C 14 12.59 14.58 -9.75
CA ALA C 14 13.59 14.23 -10.75
C ALA C 14 14.97 14.79 -10.37
N VAL C 15 15.51 14.30 -9.26
CA VAL C 15 16.78 14.75 -8.68
C VAL C 15 17.53 13.52 -8.20
N PRO C 16 18.85 13.64 -7.97
CA PRO C 16 19.59 12.50 -7.43
C PRO C 16 19.13 12.12 -6.04
N GLU C 17 19.30 10.84 -5.71
CA GLU C 17 18.97 10.40 -4.36
C GLU C 17 19.87 11.12 -3.37
N TRP C 18 19.34 11.37 -2.18
CA TRP C 18 20.11 11.93 -1.09
C TRP C 18 20.73 10.78 -0.30
N THR C 19 22.04 10.86 -0.08
CA THR C 19 22.73 9.87 0.72
C THR C 19 22.87 10.38 2.15
N ILE C 20 22.46 9.56 3.11
CA ILE C 20 22.69 9.81 4.51
C ILE C 20 24.03 9.18 4.88
N THR C 21 24.99 10.00 5.29
CA THR C 21 26.36 9.54 5.47
C THR C 21 26.72 9.39 6.93
N ASN C 22 27.45 8.32 7.25
CA ASN C 22 28.03 8.11 8.58
C ASN C 22 26.99 8.20 9.70
N LEU C 23 25.82 7.61 9.47
CA LEU C 23 24.75 7.65 10.47
C LEU C 23 25.16 6.90 11.73
N LYS C 24 25.05 7.57 12.88
CA LYS C 24 25.42 7.01 14.18
C LYS C 24 24.49 7.58 15.24
N ARG C 25 24.11 6.74 16.20
CA ARG C 25 23.33 7.16 17.36
C ARG C 25 24.09 6.85 18.65
N VAL C 26 24.17 7.85 19.53
CA VAL C 26 24.75 7.69 20.87
C VAL C 26 23.74 8.21 21.88
N CYS C 27 23.32 7.35 22.80
CA CYS C 27 22.38 7.75 23.84
C CYS C 27 23.12 7.83 25.18
N ASN C 28 22.73 8.80 26.00
CA ASN C 28 23.39 8.96 27.28
C ASN C 28 23.05 7.77 28.18
N ALA C 29 23.72 7.73 29.34
CA ALA C 29 23.65 6.53 30.18
C ALA C 29 22.22 6.19 30.56
N GLY C 30 21.39 7.21 30.78
CA GLY C 30 20.04 6.98 31.26
C GLY C 30 19.00 6.89 30.17
N ASN C 31 19.39 6.94 28.91
CA ASN C 31 18.46 6.97 27.77
C ASN C 31 17.42 8.08 27.93
N THR C 32 17.89 9.26 28.36
CA THR C 32 17.07 10.46 28.33
C THR C 32 17.48 11.42 27.23
N SER C 33 18.58 11.11 26.54
CA SER C 33 19.02 11.93 25.41
C SER C 33 19.79 11.04 24.45
N CYS C 34 19.42 11.11 23.16
CA CYS C 34 20.15 10.43 22.10
C CYS C 34 20.61 11.46 21.08
N THR C 35 21.87 11.38 20.72
CA THR C 35 22.47 12.25 19.73
C THR C 35 22.72 11.43 18.47
N TRP C 36 22.02 11.79 17.40
CA TRP C 36 22.27 11.21 16.09
C TRP C 36 23.13 12.16 15.28
N THR C 37 24.16 11.63 14.65
CA THR C 37 25.01 12.43 13.78
C THR C 37 25.04 11.78 12.40
N PHE C 38 24.97 12.63 11.37
CA PHE C 38 24.96 12.17 9.99
C PHE C 38 25.17 13.34 9.05
N GLY C 39 25.55 13.01 7.82
CA GLY C 39 25.54 13.99 6.77
C GLY C 39 24.39 13.76 5.81
N VAL C 40 23.97 14.81 5.11
CA VAL C 40 22.98 14.72 4.04
C VAL C 40 23.67 15.18 2.76
N ASP C 41 23.88 14.27 1.82
CA ASP C 41 24.58 14.53 0.56
C ASP C 41 23.57 14.44 -0.57
N THR C 42 23.17 15.61 -1.10
CA THR C 42 22.26 15.69 -2.23
C THR C 42 22.93 15.45 -3.57
N HIS C 43 24.27 15.40 -3.61
CA HIS C 43 25.07 15.29 -4.82
C HIS C 43 24.95 16.52 -5.72
N LEU C 44 24.31 17.60 -5.25
CA LEU C 44 24.24 18.86 -5.98
C LEU C 44 24.92 20.02 -5.26
N ALA C 45 25.41 19.80 -4.03
CA ALA C 45 26.06 20.82 -3.21
C ALA C 45 26.89 20.06 -2.19
N THR C 46 27.80 20.77 -1.53
CA THR C 46 28.54 20.12 -0.45
C THR C 46 27.56 19.54 0.55
N ALA C 47 27.95 18.42 1.15
CA ALA C 47 27.05 17.75 2.08
C ALA C 47 26.85 18.58 3.34
N THR C 48 25.68 18.43 3.94
CA THR C 48 25.35 19.11 5.18
C THR C 48 25.59 18.18 6.35
N SER C 49 26.39 18.62 7.32
CA SER C 49 26.66 17.83 8.52
C SER C 49 25.62 18.18 9.58
N CYS C 50 25.04 17.15 10.23
CA CYS C 50 23.94 17.36 11.15
CA CYS C 50 23.91 17.34 11.13
C CYS C 50 24.17 16.67 12.47
N THR C 51 23.82 17.36 13.56
CA THR C 51 23.74 16.81 14.90
C THR C 51 22.29 16.93 15.35
N TYR C 52 21.67 15.80 15.66
CA TYR C 52 20.22 15.73 15.84
C TYR C 52 19.97 15.07 17.19
N VAL C 53 19.55 15.86 18.16
CA VAL C 53 19.43 15.44 19.54
C VAL C 53 17.95 15.24 19.85
N VAL C 54 17.61 14.06 20.37
CA VAL C 54 16.27 13.71 20.82
C VAL C 54 16.32 13.57 22.34
N LYS C 55 15.46 14.32 23.04
CA LYS C 55 15.39 14.31 24.50
C LYS C 55 14.06 13.72 24.93
N ALA C 56 14.05 12.97 26.03
CA ALA C 56 12.82 12.47 26.60
C ALA C 56 13.02 12.21 28.08
N ASN C 57 11.92 12.23 28.81
CA ASN C 57 12.02 11.92 30.23
C ASN C 57 12.39 10.46 30.42
N ALA C 58 12.02 9.61 29.46
CA ALA C 58 12.38 8.22 29.47
C ALA C 58 12.39 7.69 28.05
N ASN C 59 13.27 6.72 27.79
CA ASN C 59 13.35 5.98 26.53
C ASN C 59 13.56 6.92 25.33
N ALA C 60 14.59 7.77 25.43
CA ALA C 60 14.84 8.70 24.32
C ALA C 60 15.07 7.96 22.99
N SER C 61 15.62 6.75 23.05
CA SER C 61 15.85 5.98 21.85
C SER C 61 14.56 5.57 21.16
N GLN C 62 13.42 5.61 21.85
CA GLN C 62 12.12 5.31 21.26
C GLN C 62 11.22 6.52 21.16
N ALA C 63 11.75 7.70 21.46
CA ALA C 63 10.96 8.93 21.46
C ALA C 63 10.90 9.54 20.08
N SER C 64 9.81 10.25 19.82
CA SER C 64 9.77 11.06 18.61
C SER C 64 10.58 12.31 18.85
N GLY C 65 11.33 12.73 17.82
CA GLY C 65 12.24 13.84 17.95
C GLY C 65 11.88 14.95 16.98
N GLY C 66 12.47 16.11 17.21
CA GLY C 66 12.34 17.21 16.30
C GLY C 66 11.07 17.98 16.52
N PRO C 67 10.85 18.98 15.68
CA PRO C 67 11.71 19.32 14.54
C PRO C 67 13.03 19.99 14.94
N VAL C 68 14.08 19.70 14.17
CA VAL C 68 15.41 20.30 14.27
C VAL C 68 15.78 20.82 12.89
N THR C 69 16.48 21.96 12.85
CA THR C 69 17.01 22.44 11.57
C THR C 69 18.48 22.09 11.50
N CYS C 70 18.87 21.64 10.33
CA CYS C 70 20.27 21.41 10.03
CA CYS C 70 20.27 21.34 10.01
C CYS C 70 20.49 21.91 8.62
N GLY C 71 21.18 23.04 8.50
CA GLY C 71 21.40 23.59 7.17
C GLY C 71 20.06 23.89 6.55
N PRO C 72 19.83 23.48 5.30
CA PRO C 72 18.54 23.73 4.66
C PRO C 72 17.44 22.75 5.05
N TYR C 73 17.66 21.88 6.02
CA TYR C 73 16.73 20.81 6.33
C TYR C 73 16.00 21.07 7.64
N THR C 74 14.74 20.71 7.66
CA THR C 74 14.00 20.53 8.89
C THR C 74 13.73 19.02 9.06
N ILE C 75 13.95 18.51 10.29
CA ILE C 75 14.10 17.07 10.53
C ILE C 75 13.28 16.68 11.75
N THR C 76 12.50 15.60 11.60
CA THR C 76 11.81 14.93 12.70
C THR C 76 12.14 13.45 12.63
N SER C 77 11.75 12.73 13.68
CA SER C 77 11.97 11.29 13.72
C SER C 77 10.89 10.66 14.59
N SER C 78 10.59 9.40 14.28
CA SER C 78 9.62 8.64 15.05
C SER C 78 10.05 7.18 15.09
N TRP C 79 9.93 6.56 16.26
CA TRP C 79 10.28 5.15 16.44
C TRP C 79 9.01 4.34 16.49
N SER C 80 9.04 3.13 15.93
CA SER C 80 7.90 2.26 16.00
C SER C 80 8.30 0.86 16.41
N GLY C 81 7.61 0.34 17.40
CA GLY C 81 7.74 -1.06 17.77
C GLY C 81 6.55 -1.86 17.28
N GLN C 82 5.90 -1.40 16.22
CA GLN C 82 4.69 -2.07 15.75
C GLN C 82 4.92 -3.56 15.44
N PHE C 83 6.14 -3.95 15.12
CA PHE C 83 6.47 -5.35 14.83
C PHE C 83 7.09 -6.08 16.01
N GLY C 84 6.97 -5.50 17.22
CA GLY C 84 7.66 -5.97 18.40
C GLY C 84 8.82 -5.04 18.72
N PRO C 85 9.11 -4.78 20.01
CA PRO C 85 10.16 -3.79 20.31
C PRO C 85 11.55 -4.17 19.83
N ASN C 86 11.89 -5.45 19.75
CA ASN C 86 13.19 -5.86 19.20
C ASN C 86 13.24 -5.70 17.70
N ASN C 87 12.07 -5.63 17.07
CA ASN C 87 11.92 -5.37 15.64
C ASN C 87 11.58 -3.91 15.38
N GLY C 88 12.03 -3.03 16.26
CA GLY C 88 11.76 -1.61 16.10
C GLY C 88 12.55 -0.99 14.97
N PHE C 89 12.04 0.14 14.50
CA PHE C 89 12.79 0.96 13.55
C PHE C 89 12.47 2.43 13.78
N THR C 90 13.45 3.27 13.43
CA THR C 90 13.36 4.72 13.52
C THR C 90 13.25 5.29 12.12
N THR C 91 12.25 6.15 11.91
CA THR C 91 12.08 6.82 10.63
C THR C 91 12.42 8.28 10.84
N PHE C 92 13.32 8.81 10.00
CA PHE C 92 13.56 10.24 9.93
C PHE C 92 12.72 10.79 8.81
N ALA C 93 12.32 12.06 8.96
CA ALA C 93 11.74 12.84 7.88
C ALA C 93 12.65 14.04 7.67
N VAL C 94 13.35 14.06 6.53
CA VAL C 94 14.34 15.08 6.24
C VAL C 94 13.78 15.91 5.10
N THR C 95 13.41 17.16 5.41
CA THR C 95 12.74 18.04 4.45
C THR C 95 13.59 19.26 4.18
N ASP C 96 13.87 19.50 2.91
CA ASP C 96 14.44 20.79 2.52
C ASP C 96 13.28 21.75 2.39
N PHE C 97 13.20 22.68 3.34
CA PHE C 97 12.00 23.51 3.44
C PHE C 97 11.85 24.48 2.25
N SER C 98 12.96 24.97 1.70
CA SER C 98 12.91 25.85 0.54
C SER C 98 12.48 25.12 -0.73
N LYS C 99 13.03 23.93 -0.96
CA LYS C 99 12.77 23.16 -2.17
C LYS C 99 11.51 22.30 -2.08
N LYS C 100 10.94 22.15 -0.88
CA LYS C 100 9.78 21.29 -0.66
C LYS C 100 10.06 19.88 -1.15
N LEU C 101 11.20 19.34 -0.74
CA LEU C 101 11.65 18.00 -1.03
C LEU C 101 11.81 17.25 0.28
N ILE C 102 11.40 15.98 0.30
CA ILE C 102 11.43 15.21 1.54
C ILE C 102 11.88 13.78 1.28
N VAL C 103 12.70 13.24 2.20
CA VAL C 103 13.05 11.81 2.23
C VAL C 103 12.80 11.29 3.65
N TRP C 104 12.61 9.97 3.73
CA TRP C 104 12.32 9.27 4.98
C TRP C 104 13.34 8.16 5.14
N PRO C 105 14.57 8.48 5.51
CA PRO C 105 15.53 7.44 5.87
C PRO C 105 15.01 6.66 7.07
N ALA C 106 15.03 5.33 6.98
CA ALA C 106 14.45 4.48 8.02
C ALA C 106 15.44 3.38 8.36
N TYR C 107 15.81 3.28 9.63
CA TYR C 107 16.84 2.37 10.11
C TYR C 107 16.26 1.46 11.19
N THR C 108 16.54 0.18 11.09
CA THR C 108 16.07 -0.73 12.12
C THR C 108 16.96 -0.58 13.36
N ASP C 109 16.39 -0.93 14.51
CA ASP C 109 17.17 -0.83 15.74
C ASP C 109 18.49 -1.61 15.66
N VAL C 110 18.51 -2.79 15.05
CA VAL C 110 19.76 -3.55 15.06
C VAL C 110 20.83 -2.92 14.19
N GLN C 111 20.46 -1.96 13.34
CA GLN C 111 21.46 -1.24 12.54
C GLN C 111 22.21 -0.20 13.37
N VAL C 112 21.58 0.36 14.40
CA VAL C 112 22.13 1.53 15.09
C VAL C 112 22.42 1.29 16.57
N GLN C 113 22.03 0.15 17.12
CA GLN C 113 22.27 -0.09 18.54
C GLN C 113 23.74 0.05 18.90
N ALA C 114 23.98 0.45 20.16
CA ALA C 114 25.30 0.50 20.75
C ALA C 114 26.28 1.37 19.97
N GLY C 115 25.80 2.35 19.20
CA GLY C 115 26.68 3.31 18.54
C GLY C 115 27.36 2.84 17.26
N LYS C 116 26.86 1.76 16.64
CA LYS C 116 27.43 1.29 15.38
C LYS C 116 27.20 2.28 14.26
N VAL C 117 28.21 2.59 13.46
CA VAL C 117 27.98 3.45 12.30
C VAL C 117 27.35 2.60 11.21
N VAL C 118 26.28 3.11 10.61
CA VAL C 118 25.61 2.35 9.55
C VAL C 118 26.50 2.38 8.32
N SER C 119 26.81 1.20 7.81
CA SER C 119 27.61 1.07 6.61
C SER C 119 27.13 -0.13 5.81
N PRO C 120 26.99 0.01 4.49
CA PRO C 120 27.29 1.22 3.71
C PRO C 120 26.27 2.35 3.93
N ASN C 121 26.63 3.54 3.46
CA ASN C 121 25.69 4.65 3.54
C ASN C 121 24.48 4.37 2.65
N GLN C 122 23.30 4.71 3.15
CA GLN C 122 22.04 4.43 2.48
C GLN C 122 21.51 5.71 1.86
N SER C 123 20.91 5.59 0.67
CA SER C 123 20.38 6.73 -0.05
C SER C 123 18.90 6.53 -0.37
N TYR C 124 18.22 7.66 -0.57
CA TYR C 124 16.77 7.73 -0.64
C TYR C 124 16.33 8.74 -1.70
N ALA C 125 15.26 8.41 -2.40
CA ALA C 125 14.75 9.29 -3.45
C ALA C 125 13.83 10.36 -2.87
N PRO C 126 14.09 11.64 -3.12
CA PRO C 126 13.19 12.69 -2.61
C PRO C 126 11.83 12.68 -3.27
N ALA C 127 10.84 13.04 -2.47
CA ALA C 127 9.49 13.27 -2.94
C ALA C 127 9.16 14.75 -2.81
N ASN C 128 8.32 15.23 -3.72
CA ASN C 128 7.74 16.55 -3.59
C ASN C 128 6.71 16.57 -2.48
N LEU C 129 6.74 17.64 -1.69
CA LEU C 129 5.72 17.94 -0.69
C LEU C 129 4.98 19.17 -1.17
N PRO C 130 3.65 19.12 -1.51
CA PRO C 130 3.00 20.27 -2.18
C PRO C 130 2.51 21.33 -1.20
N LEU C 131 3.44 21.95 -0.48
CA LEU C 131 3.12 23.01 0.45
C LEU C 131 3.33 24.38 -0.16
N ALA D 7 30.91 3.56 -1.99
CA ALA D 7 29.73 3.20 -2.78
C ALA D 7 28.47 3.22 -1.93
N ASP D 8 27.53 4.09 -2.33
CA ASP D 8 26.22 4.15 -1.70
C ASP D 8 25.45 2.86 -1.89
N LYS D 9 24.45 2.66 -1.04
CA LYS D 9 23.50 1.55 -1.14
C LYS D 9 22.12 2.20 -1.18
N SER D 10 21.55 2.35 -2.39
CA SER D 10 20.18 2.86 -2.47
C SER D 10 19.22 1.94 -1.75
N MSE D 11 18.24 2.51 -1.06
CA MSE D 11 17.21 1.69 -0.43
C MSE D 11 15.92 1.69 -1.22
O MSE D 11 14.88 1.18 -0.76
CB MSE D 11 16.97 2.19 0.99
CG MSE D 11 18.22 2.20 1.82
SE MSE D 11 18.93 0.35 2.00
CE MSE D 11 17.54 -0.32 3.22
H MSE D 11 18.16 3.36 -0.94
HA MSE D 11 17.54 0.79 -0.37
HB2 MSE D 11 16.62 3.09 0.94
HB3 MSE D 11 16.32 1.61 1.42
HG2 MSE D 11 18.89 2.75 1.40
HG3 MSE D 11 18.01 2.54 2.71
HE1 MSE D 11 17.73 -1.25 3.43
HE2 MSE D 11 17.54 0.20 4.03
HE3 MSE D 11 16.68 -0.25 2.78
N MSE D 12 15.92 2.24 -2.42
CA MSE D 12 14.70 2.26 -3.20
C MSE D 12 14.54 0.91 -3.92
O MSE D 12 15.49 0.41 -4.51
CB MSE D 12 14.69 3.42 -4.18
CG MSE D 12 15.07 4.78 -3.57
SE MSE D 12 14.02 5.19 -1.96
CE MSE D 12 12.25 5.24 -2.80
H MSE D 12 16.61 2.60 -2.80
HA MSE D 12 13.95 2.37 -2.59
HB2 MSE D 12 15.32 3.23 -4.89
HB3 MSE D 12 13.80 3.50 -4.56
HG2 MSE D 12 16.00 4.77 -3.33
HG3 MSE D 12 14.90 5.48 -4.22
HE1 MSE D 12 11.60 5.44 -2.12
HE2 MSE D 12 12.25 5.93 -3.48
HE3 MSE D 12 12.08 4.38 -3.20
N ALA D 13 13.34 0.36 -3.86
CA ALA D 13 13.06 -0.99 -4.37
C ALA D 13 12.73 -0.97 -5.85
N ALA D 14 13.06 -2.08 -6.50
CA ALA D 14 12.81 -2.21 -7.95
C ALA D 14 11.42 -2.77 -8.21
N VAL D 15 10.43 -1.97 -7.85
CA VAL D 15 9.02 -2.30 -8.03
C VAL D 15 8.28 -1.06 -8.48
N PRO D 16 7.10 -1.22 -9.08
CA PRO D 16 6.31 -0.04 -9.45
C PRO D 16 5.97 0.82 -8.25
N GLU D 17 5.81 2.14 -8.47
CA GLU D 17 5.33 3.00 -7.42
C GLU D 17 3.97 2.50 -6.92
N TRP D 18 3.74 2.65 -5.62
CA TRP D 18 2.42 2.38 -5.06
C TRP D 18 1.55 3.63 -5.17
N THR D 19 0.36 3.47 -5.71
CA THR D 19 -0.61 4.54 -5.79
C THR D 19 -1.55 4.49 -4.59
N ILE D 20 -1.75 5.63 -3.94
CA ILE D 20 -2.77 5.78 -2.89
C ILE D 20 -4.03 6.28 -3.58
N THR D 21 -5.06 5.45 -3.62
CA THR D 21 -6.25 5.75 -4.40
C THR D 21 -7.33 6.37 -3.52
N ASN D 22 -7.99 7.38 -4.07
CA ASN D 22 -9.18 8.00 -3.48
C ASN D 22 -8.97 8.45 -2.03
N LEU D 23 -7.85 9.10 -1.77
CA LEU D 23 -7.55 9.47 -0.40
C LEU D 23 -8.50 10.57 0.07
N LYS D 24 -9.15 10.35 1.21
CA LYS D 24 -10.14 11.27 1.73
C LYS D 24 -10.07 11.31 3.25
N ARG D 25 -10.17 12.51 3.82
CA ARG D 25 -10.25 12.72 5.26
C ARG D 25 -11.56 13.39 5.58
N VAL D 26 -12.31 12.82 6.52
CA VAL D 26 -13.52 13.42 7.06
C VAL D 26 -13.37 13.49 8.57
N CYS D 27 -13.50 14.69 9.15
CA CYS D 27 -13.42 14.84 10.61
C CYS D 27 -14.73 15.36 11.13
N ASN D 28 -15.04 14.99 12.37
CA ASN D 28 -16.23 15.54 12.99
C ASN D 28 -15.98 17.00 13.38
N ALA D 29 -17.08 17.70 13.68
CA ALA D 29 -17.01 19.14 13.89
C ALA D 29 -16.14 19.52 15.08
N GLY D 30 -16.10 18.64 16.10
CA GLY D 30 -15.30 18.87 17.27
C GLY D 30 -13.84 18.53 17.11
N ASN D 31 -13.49 17.94 15.96
CA ASN D 31 -12.15 17.46 15.67
C ASN D 31 -11.66 16.53 16.78
N THR D 32 -12.51 15.58 17.14
CA THR D 32 -12.16 14.51 18.05
C THR D 32 -12.07 13.15 17.37
N SER D 33 -12.48 13.06 16.10
CA SER D 33 -12.34 11.85 15.30
C SER D 33 -12.20 12.24 13.83
N CYS D 34 -11.21 11.66 13.15
CA CYS D 34 -11.00 11.85 11.72
C CYS D 34 -10.92 10.48 11.08
N THR D 35 -11.71 10.28 10.03
CA THR D 35 -11.73 9.03 9.30
C THR D 35 -11.05 9.24 7.96
N TRP D 36 -10.00 8.46 7.73
CA TRP D 36 -9.28 8.46 6.46
C TRP D 36 -9.65 7.19 5.71
N THR D 37 -9.98 7.34 4.44
CA THR D 37 -10.24 6.22 3.57
C THR D 37 -9.37 6.34 2.32
N PHE D 38 -8.87 5.20 1.83
CA PHE D 38 -7.98 5.14 0.67
C PHE D 38 -7.78 3.68 0.32
N GLY D 39 -7.24 3.46 -0.87
CA GLY D 39 -6.74 2.17 -1.25
C GLY D 39 -5.23 2.24 -1.49
N VAL D 40 -4.58 1.10 -1.46
CA VAL D 40 -3.16 0.97 -1.78
C VAL D 40 -3.08 0.05 -2.98
N ASP D 41 -2.59 0.56 -4.11
CA ASP D 41 -2.48 -0.19 -5.36
C ASP D 41 -1.01 -0.29 -5.75
N THR D 42 -0.44 -1.51 -5.62
CA THR D 42 0.95 -1.77 -5.93
C THR D 42 1.17 -2.06 -7.42
N HIS D 43 0.08 -2.20 -8.17
CA HIS D 43 0.10 -2.53 -9.59
C HIS D 43 0.67 -3.91 -9.86
N LEU D 44 0.93 -4.70 -8.82
CA LEU D 44 1.36 -6.07 -8.97
C LEU D 44 0.33 -7.05 -8.45
N ALA D 45 -0.70 -6.55 -7.77
CA ALA D 45 -1.72 -7.40 -7.18
C ALA D 45 -2.95 -6.53 -6.95
N THR D 46 -4.06 -7.20 -6.67
CA THR D 46 -5.29 -6.49 -6.36
C THR D 46 -5.03 -5.42 -5.31
N ALA D 47 -5.58 -4.23 -5.55
CA ALA D 47 -5.47 -3.15 -4.59
C ALA D 47 -6.18 -3.49 -3.28
N THR D 48 -5.71 -2.89 -2.20
CA THR D 48 -6.22 -3.08 -0.86
C THR D 48 -6.95 -1.81 -0.43
N SER D 49 -8.20 -1.95 0.02
CA SER D 49 -9.00 -0.83 0.46
C SER D 49 -8.93 -0.72 1.99
N CYS D 50 -8.83 0.51 2.50
CA CYS D 50 -8.60 0.72 3.93
C CYS D 50 -9.46 1.85 4.47
N THR D 51 -9.82 1.70 5.75
CA THR D 51 -10.46 2.75 6.55
C THR D 51 -9.65 2.89 7.82
N TYR D 52 -9.22 4.12 8.11
CA TYR D 52 -8.23 4.39 9.16
C TYR D 52 -8.72 5.58 10.00
N VAL D 53 -9.02 5.32 11.26
CA VAL D 53 -9.67 6.31 12.11
C VAL D 53 -8.67 6.78 13.17
N VAL D 54 -8.53 8.09 13.30
CA VAL D 54 -7.66 8.71 14.29
C VAL D 54 -8.56 9.43 15.28
N LYS D 55 -8.43 9.10 16.57
CA LYS D 55 -9.24 9.72 17.59
C LYS D 55 -8.35 10.47 18.57
N ALA D 56 -8.88 11.54 19.14
CA ALA D 56 -8.19 12.30 20.17
C ALA D 56 -9.20 13.16 20.94
N ASN D 57 -8.81 13.58 22.14
CA ASN D 57 -9.68 14.46 22.92
C ASN D 57 -9.87 15.81 22.25
N ALA D 58 -8.85 16.27 21.53
CA ALA D 58 -8.91 17.50 20.77
C ALA D 58 -7.91 17.38 19.61
N ASN D 59 -8.19 18.11 18.55
CA ASN D 59 -7.27 18.14 17.39
C ASN D 59 -6.92 16.74 16.90
N ALA D 60 -7.94 15.92 16.63
CA ALA D 60 -7.69 14.61 16.03
C ALA D 60 -6.99 14.74 14.67
N SER D 61 -7.24 15.84 13.95
CA SER D 61 -6.58 16.05 12.67
C SER D 61 -5.07 16.19 12.79
N GLN D 62 -4.56 16.47 13.97
CA GLN D 62 -3.14 16.63 14.23
C GLN D 62 -2.57 15.50 15.07
N ALA D 63 -3.39 14.52 15.45
CA ALA D 63 -2.96 13.45 16.33
C ALA D 63 -2.29 12.34 15.53
N SER D 64 -1.35 11.67 16.18
CA SER D 64 -0.76 10.48 15.61
C SER D 64 -1.70 9.28 15.73
N GLY D 65 -1.63 8.38 14.76
CA GLY D 65 -2.53 7.25 14.72
C GLY D 65 -1.81 5.94 14.45
N GLY D 66 -2.55 4.84 14.61
CA GLY D 66 -2.03 3.52 14.32
C GLY D 66 -1.22 2.97 15.50
N PRO D 67 -0.64 1.77 15.35
CA PRO D 67 -0.71 0.99 14.11
C PRO D 67 -2.03 0.28 13.94
N VAL D 68 -2.49 0.22 12.70
CA VAL D 68 -3.59 -0.65 12.33
C VAL D 68 -3.08 -1.50 11.16
N THR D 69 -3.74 -2.64 10.96
CA THR D 69 -3.40 -3.48 9.83
C THR D 69 -4.53 -3.40 8.82
N CYS D 70 -4.16 -3.52 7.53
CA CYS D 70 -5.11 -3.48 6.42
C CYS D 70 -4.51 -4.33 5.31
N GLY D 71 -5.08 -5.51 5.07
CA GLY D 71 -4.45 -6.43 4.16
C GLY D 71 -3.02 -6.71 4.60
N PRO D 72 -2.06 -6.64 3.67
CA PRO D 72 -0.66 -6.91 4.03
C PRO D 72 0.02 -5.74 4.72
N TYR D 73 -0.69 -4.63 4.93
CA TYR D 73 -0.04 -3.40 5.37
C TYR D 73 -0.22 -3.20 6.86
N THR D 74 0.79 -2.62 7.47
CA THR D 74 0.71 -2.07 8.83
C THR D 74 0.89 -0.56 8.67
N ILE D 75 -0.02 0.22 9.26
CA ILE D 75 -0.18 1.63 8.94
C ILE D 75 -0.19 2.49 10.20
N THR D 76 0.63 3.55 10.21
CA THR D 76 0.59 4.63 11.20
C THR D 76 0.51 5.97 10.47
N SER D 77 0.25 7.04 11.22
CA SER D 77 0.29 8.39 10.69
C SER D 77 0.75 9.37 11.76
N SER D 78 1.28 10.49 11.31
CA SER D 78 1.72 11.54 12.19
C SER D 78 1.54 12.87 11.47
N TRP D 79 1.15 13.89 12.23
CA TRP D 79 0.94 15.23 11.69
C TRP D 79 2.10 16.13 12.06
N SER D 80 2.39 17.09 11.18
CA SER D 80 3.45 18.06 11.43
C SER D 80 3.02 19.49 11.12
N GLY D 81 3.36 20.40 12.02
CA GLY D 81 3.25 21.82 11.78
C GLY D 81 4.56 22.53 11.47
N GLN D 82 5.54 21.81 10.91
CA GLN D 82 6.83 22.38 10.56
C GLN D 82 6.70 23.61 9.67
N PHE D 83 5.68 23.69 8.84
CA PHE D 83 5.54 24.82 7.95
C PHE D 83 4.55 25.84 8.47
N GLY D 84 4.22 25.78 9.76
CA GLY D 84 3.29 26.70 10.36
C GLY D 84 1.99 25.99 10.60
N PRO D 85 1.29 26.31 11.70
CA PRO D 85 0.08 25.53 12.03
C PRO D 85 -1.00 25.64 10.98
N ASN D 86 -0.92 26.68 10.14
CA ASN D 86 -1.82 26.87 9.02
C ASN D 86 -1.39 26.09 7.77
N ASN D 87 -0.26 25.39 7.80
CA ASN D 87 0.28 24.65 6.66
C ASN D 87 0.73 23.27 7.10
N GLY D 88 -0.09 22.63 7.90
CA GLY D 88 0.22 21.31 8.39
C GLY D 88 0.09 20.25 7.32
N PHE D 89 0.69 19.10 7.62
CA PHE D 89 0.59 17.95 6.74
C PHE D 89 0.70 16.66 7.53
N THR D 90 0.03 15.65 7.00
CA THR D 90 -0.06 14.31 7.59
C THR D 90 0.82 13.39 6.76
N THR D 91 1.62 12.58 7.45
CA THR D 91 2.45 11.56 6.83
C THR D 91 1.95 10.21 7.32
N PHE D 92 1.67 9.32 6.37
CA PHE D 92 1.36 7.93 6.68
C PHE D 92 2.62 7.13 6.51
N ALA D 93 2.78 6.07 7.31
CA ALA D 93 3.80 5.06 7.06
C ALA D 93 3.03 3.76 6.77
N VAL D 94 3.18 3.28 5.53
CA VAL D 94 2.48 2.10 5.04
C VAL D 94 3.54 1.04 4.77
N THR D 95 3.58 -0.01 5.60
CA THR D 95 4.63 -1.02 5.56
C THR D 95 4.03 -2.36 5.20
N ASP D 96 4.64 -3.06 4.25
CA ASP D 96 4.36 -4.46 3.93
C ASP D 96 5.49 -5.28 4.56
N PHE D 97 5.25 -5.84 5.75
CA PHE D 97 6.32 -6.54 6.44
C PHE D 97 6.84 -7.70 5.61
N SER D 98 5.95 -8.51 5.05
CA SER D 98 6.36 -9.71 4.33
C SER D 98 7.26 -9.35 3.15
N LYS D 99 6.98 -8.23 2.50
CA LYS D 99 7.78 -7.77 1.38
C LYS D 99 8.95 -6.88 1.79
N LYS D 100 9.04 -6.48 3.06
CA LYS D 100 10.09 -5.59 3.56
C LYS D 100 10.10 -4.25 2.81
N LEU D 101 8.90 -3.69 2.57
CA LEU D 101 8.72 -2.48 1.78
C LEU D 101 7.90 -1.46 2.54
N ILE D 102 8.22 -0.18 2.37
CA ILE D 102 7.54 0.91 3.10
C ILE D 102 7.44 2.11 2.19
N VAL D 103 6.29 2.80 2.25
CA VAL D 103 6.11 4.11 1.63
C VAL D 103 5.55 5.09 2.66
N TRP D 104 5.70 6.37 2.35
CA TRP D 104 5.25 7.47 3.21
C TRP D 104 4.40 8.46 2.44
N PRO D 105 3.13 8.15 2.22
CA PRO D 105 2.22 9.12 1.60
C PRO D 105 2.05 10.34 2.49
N ALA D 106 2.04 11.52 1.88
CA ALA D 106 1.93 12.76 2.65
C ALA D 106 0.94 13.68 1.97
N TYR D 107 0.03 14.22 2.77
CA TYR D 107 -1.06 15.07 2.30
C TYR D 107 -1.16 16.31 3.18
N THR D 108 -1.22 17.48 2.57
CA THR D 108 -1.40 18.70 3.36
C THR D 108 -2.84 18.82 3.86
N ASP D 109 -2.98 19.50 5.00
CA ASP D 109 -4.31 19.80 5.53
C ASP D 109 -5.17 20.49 4.48
N VAL D 110 -4.60 21.44 3.71
CA VAL D 110 -5.35 22.14 2.68
C VAL D 110 -5.89 21.15 1.66
N GLN D 111 -5.09 20.15 1.30
CA GLN D 111 -5.52 19.21 0.27
C GLN D 111 -6.78 18.47 0.70
N VAL D 112 -6.87 18.11 1.99
CA VAL D 112 -7.91 17.21 2.46
C VAL D 112 -9.05 17.92 3.18
N GLN D 113 -8.94 19.23 3.46
CA GLN D 113 -9.91 19.84 4.36
C GLN D 113 -11.31 19.94 3.76
N ALA D 114 -11.43 19.90 2.43
CA ALA D 114 -12.76 19.90 1.83
C ALA D 114 -13.53 18.61 2.09
N GLY D 115 -12.86 17.58 2.62
CA GLY D 115 -13.49 16.28 2.79
C GLY D 115 -13.88 15.63 1.48
N LYS D 116 -13.19 15.95 0.39
CA LYS D 116 -13.35 15.30 -0.89
C LYS D 116 -12.12 14.46 -1.18
N VAL D 117 -12.30 13.47 -2.05
CA VAL D 117 -11.17 12.70 -2.55
C VAL D 117 -10.11 13.63 -3.14
N VAL D 118 -8.84 13.39 -2.78
CA VAL D 118 -7.71 14.09 -3.39
C VAL D 118 -7.53 13.61 -4.83
N SER D 119 -7.45 14.54 -5.77
CA SER D 119 -7.29 14.16 -7.17
C SER D 119 -6.22 15.05 -7.79
N PRO D 120 -5.32 14.50 -8.61
CA PRO D 120 -5.16 13.09 -8.98
C PRO D 120 -4.65 12.25 -7.82
N ASN D 121 -4.76 10.94 -7.95
CA ASN D 121 -4.14 10.06 -6.96
C ASN D 121 -2.64 10.25 -7.01
N GLN D 122 -1.99 10.13 -5.87
CA GLN D 122 -0.56 10.35 -5.77
C GLN D 122 0.13 9.00 -5.54
N SER D 123 1.27 8.80 -6.20
CA SER D 123 2.00 7.55 -6.11
C SER D 123 3.39 7.82 -5.54
N TYR D 124 3.96 6.77 -4.93
CA TYR D 124 5.17 6.84 -4.16
C TYR D 124 6.04 5.62 -4.43
N ALA D 125 7.34 5.85 -4.48
CA ALA D 125 8.30 4.76 -4.67
C ALA D 125 8.57 4.06 -3.33
N PRO D 126 8.34 2.74 -3.23
CA PRO D 126 8.67 2.04 -1.98
C PRO D 126 10.17 1.96 -1.70
N ALA D 127 10.50 1.95 -0.41
CA ALA D 127 11.85 1.76 0.07
C ALA D 127 11.96 0.40 0.76
N ASN D 128 13.16 -0.18 0.68
CA ASN D 128 13.42 -1.39 1.45
C ASN D 128 13.59 -1.03 2.91
N LEU D 129 12.98 -1.85 3.77
CA LEU D 129 13.11 -1.69 5.22
C LEU D 129 13.52 -3.04 5.76
N PRO D 130 14.84 -3.25 6.05
CA PRO D 130 15.37 -4.62 6.21
C PRO D 130 15.10 -5.18 7.60
N LEU D 131 13.83 -5.25 7.94
CA LEU D 131 13.41 -5.81 9.22
C LEU D 131 13.74 -7.29 9.30
N GLU D 132 13.93 -7.75 10.53
CA GLU D 132 14.21 -9.15 10.78
C GLU D 132 13.35 -9.64 11.93
N HIS D 133 13.61 -10.84 12.38
CA HIS D 133 12.80 -11.49 13.39
C HIS D 133 13.65 -11.63 14.64
N HIS D 134 13.46 -10.70 15.59
CA HIS D 134 14.20 -10.74 16.85
C HIS D 134 13.30 -11.03 18.05
N HIS D 135 12.09 -11.53 17.81
CA HIS D 135 11.21 -12.08 18.87
C HIS D 135 10.81 -13.52 18.56
C1 GOL E . -10.86 -22.02 26.09
O1 GOL E . -12.25 -21.52 26.10
C2 GOL E . -10.74 -23.29 25.28
O2 GOL E . -11.53 -24.15 26.04
C3 GOL E . -11.24 -23.27 23.82
O3 GOL E . -11.33 -24.56 23.17
H11 GOL E . -10.21 -21.26 25.65
H12 GOL E . -10.53 -22.20 27.11
HO1 GOL E . -12.31 -20.73 26.69
H2 GOL E . -9.70 -23.63 25.30
HO2 GOL E . -12.46 -23.83 26.03
H31 GOL E . -12.24 -22.82 23.81
H32 GOL E . -10.59 -22.63 23.23
HO3 GOL E . -10.68 -24.59 22.43
C1 GOL F . -21.36 -27.49 5.47
O1 GOL F . -21.45 -28.10 4.20
C2 GOL F . -21.48 -28.49 6.61
O2 GOL F . -21.41 -29.85 6.24
C3 GOL F . -20.43 -28.25 7.67
O3 GOL F . -19.73 -29.45 7.87
H11 GOL F . -20.40 -26.98 5.55
H12 GOL F . -22.14 -26.74 5.56
HO1 GOL F . -21.44 -27.41 3.51
H2 GOL F . -22.45 -28.32 7.08
HO2 GOL F . -20.52 -30.05 5.89
H31 GOL F . -19.75 -27.47 7.34
H32 GOL F . -20.90 -27.94 8.60
HO3 GOL F . -18.78 -29.31 7.69
C1 GOL G . -7.02 -8.49 -17.67
O1 GOL G . -8.37 -8.44 -18.01
C2 GOL G . -6.90 -8.88 -16.22
O2 GOL G . -7.69 -10.05 -16.11
C3 GOL G . -5.42 -9.09 -15.91
O3 GOL G . -5.28 -9.92 -14.78
H11 GOL G . -6.50 -9.23 -18.29
H12 GOL G . -6.55 -7.53 -17.84
HO1 GOL G . -8.46 -8.13 -18.94
H2 GOL G . -7.31 -8.08 -15.60
HO2 GOL G . -7.36 -10.72 -16.72
H31 GOL G . -4.93 -9.54 -16.77
H32 GOL G . -4.96 -8.12 -15.72
HO3 GOL G . -6.13 -10.37 -14.60
C1 GOL H . 8.73 10.75 10.94
O1 GOL H . 9.09 11.80 11.84
C2 GOL H . 7.29 10.93 10.41
O2 GOL H . 7.09 10.26 9.19
C3 GOL H . 6.22 10.32 11.26
O3 GOL H . 6.41 8.87 11.62
H11 GOL H . 9.41 10.73 10.10
H12 GOL H . 8.79 9.79 11.46
HO1 GOL H . 9.98 11.60 12.21
H2 GOL H . 7.08 11.99 10.30
HO2 GOL H . 7.18 9.30 9.33
H31 GOL H . 6.14 10.89 12.18
H32 GOL H . 5.27 10.42 10.73
HO3 GOL H . 6.52 8.34 10.80
#